data_7T7U
#
_entry.id   7T7U
#
_cell.length_a   90.294
_cell.length_b   93.411
_cell.length_c   132.024
_cell.angle_alpha   90.000
_cell.angle_beta   90.000
_cell.angle_gamma   90.000
#
_symmetry.space_group_name_H-M   'I 2 2 2'
#
loop_
_entity.id
_entity.type
_entity.pdbx_description
1 polymer 'Phycoerythrin alpha subunit L1'
2 polymer 'Phycoerythrin beta subunit'
3 polymer 'Phycoerythrin alpha subunit S1'
4 non-polymer 'mesobiliverdin IX(alpha)'
5 non-polymer DiCys-(15,16)-Dihydrobiliverdin
6 non-polymer PHYCOCYANOBILIN
7 non-polymer GLYCEROL
8 water water
#
loop_
_entity_poly.entity_id
_entity_poly.type
_entity_poly.pdbx_seq_one_letter_code
_entity_poly.pdbx_strand_id
1 'polypeptide(L)'
;AIK(LYZ)DQKAPIITIFDNRGCEVKKNNYSGAKANGMEDDQCVKLTMETITVSETTAAKKLQEFIGLKATAINVPQISG
VTKKY
;
A
2 'polypeptide(L)'
;FSRVVTNADSKAAYVGGADLQALKKFVSEGNKRLDAVNAIVSNASCIVSDAVSGMICENPALISPSG(MEN)CYTNRRMA
ACLRDAEIILRYVSYSLLSGDSSVLEDRCLSGLKETYSSLGVPTAGNLRAVGIMKATCVAFINNTSQQKKLSTPAGDCSA
LASEVAGYFDKVSAALA
;
B,D
3 'polypeptide(L)' AIK(LYZ)DQKAPVVTIFDARGCKDHSNKEYTGAKAGGMEDDQCVKLTMETIKVGDDVAAKVLGECLSELKSRK C
#
# COMPACT_ATOMS: atom_id res chain seq x y z
N ALA A 1 -8.43 -26.66 13.14
CA ALA A 1 -9.01 -26.44 11.78
C ALA A 1 -9.47 -24.99 11.64
N ILE A 2 -9.31 -24.43 10.44
CA ILE A 2 -9.79 -23.07 10.20
C ILE A 2 -11.30 -23.01 10.49
N LYS A 3 -11.74 -21.92 11.11
CA LYS A 3 -13.15 -21.80 11.50
CA LYS A 3 -13.15 -21.80 11.50
C LYS A 3 -14.00 -21.36 10.32
N ASP A 5 -14.50 -18.36 9.48
CA ASP A 5 -15.09 -17.07 9.85
C ASP A 5 -14.14 -15.93 9.48
N GLN A 6 -12.97 -16.27 8.91
CA GLN A 6 -12.02 -15.29 8.38
C GLN A 6 -11.50 -14.33 9.46
N LYS A 7 -11.50 -14.77 10.72
CA LYS A 7 -11.00 -13.95 11.81
C LYS A 7 -9.53 -14.26 12.08
N ALA A 8 -8.76 -13.21 12.33
CA ALA A 8 -7.33 -13.30 12.56
C ALA A 8 -6.92 -12.34 13.66
N PRO A 9 -5.78 -12.58 14.30
CA PRO A 9 -5.30 -11.68 15.36
C PRO A 9 -4.74 -10.38 14.79
N ILE A 10 -5.29 -9.28 15.25
CA ILE A 10 -4.79 -7.95 14.91
C ILE A 10 -3.96 -7.44 16.08
N ILE A 11 -2.68 -7.25 15.82
CA ILE A 11 -1.70 -6.82 16.83
C ILE A 11 -1.31 -5.37 16.57
N THR A 12 -1.42 -4.53 17.58
CA THR A 12 -0.93 -3.15 17.51
C THR A 12 0.15 -2.93 18.56
N ILE A 13 1.26 -2.34 18.14
CA ILE A 13 2.44 -2.17 18.97
C ILE A 13 2.53 -0.69 19.36
N PHE A 14 2.39 -0.40 20.64
CA PHE A 14 2.42 0.98 21.16
C PHE A 14 3.72 1.18 21.92
N ASP A 15 4.72 1.72 21.27
CA ASP A 15 5.93 2.14 21.96
C ASP A 15 5.79 3.64 22.15
N ASN A 16 5.13 4.05 23.22
CA ASN A 16 4.75 5.45 23.40
C ASN A 16 5.58 6.11 24.51
N ARG A 17 6.85 5.75 24.58
CA ARG A 17 7.83 6.54 25.32
C ARG A 17 7.74 7.99 24.85
N GLY A 18 7.70 8.92 25.80
CA GLY A 18 7.60 10.34 25.49
C GLY A 18 6.24 10.87 25.07
N CYS A 19 5.20 10.04 25.11
CA CYS A 19 3.84 10.49 24.82
C CYS A 19 3.14 10.92 26.10
N GLU A 20 2.58 12.14 26.08
CA GLU A 20 2.03 12.73 27.29
C GLU A 20 0.58 12.32 27.54
N VAL A 21 -0.06 11.66 26.58
CA VAL A 21 -1.44 11.24 26.73
C VAL A 21 -1.51 10.04 27.68
N LYS A 22 -2.42 10.14 28.66
CA LYS A 22 -2.62 9.06 29.63
C LYS A 22 -3.71 8.12 29.14
N LYS A 23 -3.37 6.85 29.03
CA LYS A 23 -4.32 5.81 28.63
C LYS A 23 -4.49 4.83 29.79
N ASN A 24 -5.66 4.19 29.85
CA ASN A 24 -6.00 3.31 30.95
CA ASN A 24 -6.01 3.31 30.95
C ASN A 24 -6.52 1.95 30.46
N ASN A 25 -6.16 1.55 29.24
CA ASN A 25 -6.64 0.27 28.72
C ASN A 25 -6.08 -0.90 29.51
N TYR A 26 -4.80 -0.85 29.85
CA TYR A 26 -4.17 -1.89 30.64
C TYR A 26 -4.50 -1.69 32.11
N SER A 27 -4.99 -2.74 32.76
CA SER A 27 -5.45 -2.65 34.14
C SER A 27 -4.57 -3.41 35.14
N GLY A 28 -3.47 -3.98 34.69
CA GLY A 28 -2.63 -4.80 35.54
C GLY A 28 -1.65 -4.00 36.36
N ALA A 29 -0.73 -4.74 37.00
CA ALA A 29 0.30 -4.13 37.83
C ALA A 29 1.17 -3.19 37.01
N LYS A 30 1.56 -2.07 37.63
CA LYS A 30 2.46 -1.12 37.02
C LYS A 30 3.89 -1.63 36.97
N ALA A 31 4.64 -1.21 35.94
CA ALA A 31 6.07 -1.45 35.91
C ALA A 31 6.90 -0.43 36.68
N ASN A 32 6.40 0.78 36.89
CA ASN A 32 7.23 1.90 37.34
C ASN A 32 8.54 1.94 36.55
N GLY A 33 8.38 1.99 35.24
CA GLY A 33 9.47 1.92 34.29
C GLY A 33 8.95 2.17 32.90
N MET A 34 9.80 1.90 31.92
CA MET A 34 9.43 2.28 30.55
CA MET A 34 9.45 2.26 30.54
C MET A 34 8.16 1.58 30.10
N GLU A 35 7.87 0.38 30.63
CA GLU A 35 6.69 -0.34 30.15
C GLU A 35 5.36 0.27 30.60
N ASP A 36 5.38 1.23 31.51
CA ASP A 36 4.18 2.02 31.79
C ASP A 36 3.79 2.91 30.61
N ASP A 37 4.68 3.08 29.64
CA ASP A 37 4.47 3.86 28.42
C ASP A 37 4.50 2.99 27.16
N GLN A 38 4.33 1.69 27.32
CA GLN A 38 4.37 0.75 26.23
C GLN A 38 3.26 -0.27 26.39
N CYS A 39 2.72 -0.73 25.26
CA CYS A 39 1.58 -1.64 25.33
C CYS A 39 1.50 -2.41 24.04
N VAL A 40 1.04 -3.67 24.15
CA VAL A 40 0.68 -4.47 23.00
C VAL A 40 -0.82 -4.69 23.05
N LYS A 41 -1.51 -4.37 21.96
CA LYS A 41 -2.94 -4.61 21.83
C LYS A 41 -3.19 -5.79 20.90
N LEU A 42 -4.09 -6.68 21.30
CA LEU A 42 -4.45 -7.83 20.50
CA LEU A 42 -4.44 -7.84 20.50
C LEU A 42 -5.96 -7.96 20.46
N THR A 43 -6.51 -8.04 19.26
CA THR A 43 -7.90 -8.39 19.07
C THR A 43 -7.99 -9.50 18.02
N MET A 44 -9.12 -10.22 18.04
CA MET A 44 -9.47 -11.23 17.05
C MET A 44 -10.68 -10.71 16.30
N GLU A 45 -10.51 -10.45 15.01
CA GLU A 45 -11.56 -9.81 14.24
C GLU A 45 -11.63 -10.38 12.83
N THR A 46 -12.83 -10.28 12.25
CA THR A 46 -13.06 -10.63 10.86
C THR A 46 -12.17 -9.75 9.99
N ILE A 47 -11.34 -10.36 9.17
CA ILE A 47 -10.56 -9.57 8.20
C ILE A 47 -11.46 -9.26 7.01
N THR A 48 -11.63 -7.98 6.72
CA THR A 48 -12.55 -7.51 5.70
C THR A 48 -11.82 -6.67 4.64
N VAL A 49 -12.14 -6.92 3.39
CA VAL A 49 -11.68 -6.12 2.26
C VAL A 49 -12.91 -5.73 1.44
N SER A 50 -13.15 -4.44 1.27
CA SER A 50 -14.37 -4.03 0.58
C SER A 50 -14.21 -4.20 -0.92
N GLU A 51 -15.33 -4.28 -1.63
N GLU A 51 -15.34 -4.28 -1.61
CA GLU A 51 -15.20 -4.38 -3.09
CA GLU A 51 -15.32 -4.35 -3.07
C GLU A 51 -14.75 -3.06 -3.71
C GLU A 51 -14.73 -3.07 -3.67
N THR A 52 -14.94 -1.94 -3.01
CA THR A 52 -14.31 -0.69 -3.42
C THR A 52 -12.80 -0.84 -3.43
N THR A 53 -12.24 -1.32 -2.31
CA THR A 53 -10.79 -1.53 -2.25
C THR A 53 -10.30 -2.49 -3.32
N ALA A 54 -11.00 -3.64 -3.47
CA ALA A 54 -10.58 -4.62 -4.46
C ALA A 54 -10.57 -4.04 -5.88
N ALA A 55 -11.58 -3.24 -6.21
CA ALA A 55 -11.54 -2.56 -7.51
C ALA A 55 -10.37 -1.62 -7.65
N LYS A 56 -10.07 -0.88 -6.58
CA LYS A 56 -8.95 0.06 -6.64
C LYS A 56 -7.62 -0.69 -6.75
N LYS A 57 -7.47 -1.81 -6.05
CA LYS A 57 -6.21 -2.55 -6.14
C LYS A 57 -6.04 -3.18 -7.52
N LEU A 58 -7.13 -3.73 -8.09
CA LEU A 58 -7.06 -4.26 -9.44
C LEU A 58 -6.48 -3.21 -10.38
N GLN A 59 -6.98 -1.98 -10.28
CA GLN A 59 -6.49 -0.93 -11.19
C GLN A 59 -5.01 -0.67 -11.00
N GLU A 60 -4.51 -0.78 -9.75
CA GLU A 60 -3.10 -0.58 -9.50
C GLU A 60 -2.24 -1.73 -10.02
N PHE A 61 -2.81 -2.94 -10.08
CA PHE A 61 -2.08 -4.15 -10.44
C PHE A 61 -2.10 -4.43 -11.93
N ILE A 62 -3.10 -3.90 -12.64
CA ILE A 62 -3.44 -4.38 -13.99
C ILE A 62 -2.47 -3.91 -15.05
N GLY A 63 -1.60 -2.93 -14.74
CA GLY A 63 -0.54 -2.58 -15.67
C GLY A 63 0.53 -3.68 -15.80
N LEU A 64 0.70 -4.48 -14.77
CA LEU A 64 1.56 -5.66 -14.77
C LEU A 64 3.05 -5.38 -14.94
N LYS A 65 3.53 -4.16 -14.64
CA LYS A 65 4.92 -3.84 -14.85
C LYS A 65 5.58 -3.13 -13.67
N ALA A 66 4.91 -2.13 -13.09
CA ALA A 66 5.55 -1.26 -12.11
C ALA A 66 5.66 -1.96 -10.76
N THR A 67 6.71 -1.60 -10.01
CA THR A 67 6.96 -2.19 -8.70
C THR A 67 7.37 -1.10 -7.71
N ALA A 68 7.52 -1.51 -6.46
CA ALA A 68 8.22 -0.75 -5.47
C ALA A 68 9.67 -0.49 -5.91
N ILE A 69 10.33 0.44 -5.21
CA ILE A 69 11.70 0.81 -5.54
C ILE A 69 12.64 -0.27 -5.05
N ASN A 70 13.52 -0.72 -5.96
CA ASN A 70 14.67 -1.61 -5.65
C ASN A 70 14.23 -2.98 -5.16
N VAL A 71 13.32 -3.62 -5.92
CA VAL A 71 12.87 -4.97 -5.59
C VAL A 71 13.00 -5.84 -6.83
N PRO A 72 13.06 -7.15 -6.65
CA PRO A 72 13.20 -8.04 -7.82
C PRO A 72 11.99 -7.94 -8.75
N GLN A 73 12.23 -8.27 -10.01
CA GLN A 73 11.25 -8.20 -11.10
C GLN A 73 10.91 -9.63 -11.55
N ILE A 74 9.62 -9.98 -11.61
CA ILE A 74 9.18 -11.31 -12.02
C ILE A 74 8.02 -11.24 -12.99
N SER A 75 7.69 -10.02 -13.44
CA SER A 75 6.56 -9.84 -14.32
C SER A 75 6.73 -10.59 -15.62
N GLY A 76 5.61 -11.04 -16.18
CA GLY A 76 5.58 -11.70 -17.48
C GLY A 76 4.36 -11.35 -18.32
N VAL A 77 4.21 -12.02 -19.47
CA VAL A 77 3.13 -11.71 -20.41
C VAL A 77 2.38 -12.94 -20.90
N THR A 78 2.61 -14.07 -20.25
CA THR A 78 2.01 -15.36 -20.62
C THR A 78 1.39 -16.00 -19.38
N LYS A 79 0.48 -16.93 -19.62
CA LYS A 79 -0.06 -17.73 -18.52
C LYS A 79 1.04 -18.67 -18.00
N LYS A 80 1.25 -18.69 -16.68
CA LYS A 80 2.19 -19.64 -16.08
CA LYS A 80 2.19 -19.64 -16.08
C LYS A 80 1.52 -20.85 -15.44
N TYR A 81 0.28 -20.73 -14.99
CA TYR A 81 -0.47 -21.84 -14.43
C TYR A 81 -1.92 -21.44 -14.32
N ALA B 12 -10.78 -6.94 23.56
CA ALA B 12 -9.36 -6.73 23.27
C ALA B 12 -8.51 -7.04 24.49
N ALA B 13 -7.27 -7.49 24.25
CA ALA B 13 -6.30 -7.70 25.32
C ALA B 13 -5.24 -6.62 25.23
N TYR B 14 -4.90 -6.03 26.37
CA TYR B 14 -3.88 -4.99 26.47
C TYR B 14 -2.79 -5.48 27.40
N VAL B 15 -1.58 -5.65 26.86
CA VAL B 15 -0.43 -6.16 27.62
C VAL B 15 0.55 -5.01 27.78
N GLY B 16 0.54 -4.36 28.94
CA GLY B 16 1.41 -3.22 29.20
C GLY B 16 2.08 -3.36 30.56
N GLY B 17 2.82 -2.34 31.01
CA GLY B 17 3.32 -2.36 32.37
C GLY B 17 4.00 -3.68 32.74
N ALA B 18 3.69 -4.17 33.95
CA ALA B 18 4.39 -5.37 34.44
C ALA B 18 4.04 -6.60 33.64
N ASP B 19 2.82 -6.68 33.07
CA ASP B 19 2.45 -7.82 32.23
C ASP B 19 3.33 -7.86 30.97
N LEU B 20 3.67 -6.70 30.46
CA LEU B 20 4.53 -6.61 29.29
C LEU B 20 5.96 -6.95 29.66
N GLN B 21 6.41 -6.56 30.84
CA GLN B 21 7.74 -7.01 31.25
C GLN B 21 7.78 -8.53 31.30
N ALA B 22 6.72 -9.16 31.84
CA ALA B 22 6.70 -10.62 31.89
C ALA B 22 6.72 -11.22 30.49
N LEU B 23 5.91 -10.69 29.57
CA LEU B 23 5.92 -11.19 28.20
C LEU B 23 7.31 -11.13 27.62
N LYS B 24 8.01 -10.02 27.83
CA LYS B 24 9.33 -9.84 27.25
C LYS B 24 10.30 -10.88 27.81
N LYS B 25 10.13 -11.24 29.08
CA LYS B 25 11.00 -12.23 29.71
C LYS B 25 10.65 -13.64 29.31
N PHE B 26 9.41 -13.89 28.90
CA PHE B 26 8.97 -15.25 28.60
C PHE B 26 9.20 -15.62 27.14
N VAL B 27 9.68 -14.69 26.30
CA VAL B 27 10.13 -15.02 24.94
C VAL B 27 11.59 -14.60 24.78
N SER B 28 12.23 -15.11 23.73
CA SER B 28 13.59 -14.71 23.42
CA SER B 28 13.58 -14.71 23.41
C SER B 28 13.60 -13.30 22.81
N GLU B 29 14.60 -12.51 23.22
CA GLU B 29 14.87 -11.19 22.65
C GLU B 29 13.63 -10.30 22.61
N GLY B 30 12.94 -10.21 23.74
CA GLY B 30 11.67 -9.52 23.85
C GLY B 30 11.56 -8.19 23.15
N ASN B 31 12.45 -7.25 23.45
CA ASN B 31 12.33 -5.94 22.84
C ASN B 31 12.56 -5.99 21.35
N LYS B 32 13.62 -6.67 20.91
CA LYS B 32 13.87 -6.83 19.48
C LYS B 32 12.69 -7.52 18.80
N ARG B 33 12.10 -8.50 19.47
CA ARG B 33 10.98 -9.22 18.89
C ARG B 33 9.81 -8.30 18.64
N LEU B 34 9.57 -7.33 19.55
CA LEU B 34 8.50 -6.38 19.31
C LEU B 34 8.80 -5.46 18.12
N ASP B 35 10.06 -5.06 17.96
CA ASP B 35 10.42 -4.30 16.77
C ASP B 35 10.14 -5.10 15.52
N ALA B 36 10.45 -6.40 15.55
CA ALA B 36 10.25 -7.25 14.38
C ALA B 36 8.77 -7.42 14.07
N VAL B 37 7.95 -7.61 15.11
CA VAL B 37 6.51 -7.68 14.94
C VAL B 37 6.00 -6.37 14.34
N ASN B 38 6.51 -5.24 14.84
CA ASN B 38 6.05 -3.95 14.36
C ASN B 38 6.45 -3.73 12.90
N ALA B 39 7.59 -4.28 12.49
CA ALA B 39 8.02 -4.18 11.09
C ALA B 39 7.01 -4.84 10.16
N ILE B 40 6.30 -5.87 10.63
CA ILE B 40 5.25 -6.47 9.85
C ILE B 40 3.96 -5.65 9.98
N VAL B 41 3.45 -5.47 11.20
CA VAL B 41 2.08 -4.98 11.26
C VAL B 41 1.98 -3.50 10.83
N SER B 42 3.01 -2.70 11.04
N SER B 42 3.02 -2.70 11.04
CA SER B 42 2.96 -1.31 10.61
CA SER B 42 2.96 -1.31 10.61
C SER B 42 2.98 -1.19 9.08
C SER B 42 3.12 -1.16 9.08
N ASN B 43 3.38 -2.25 8.37
CA ASN B 43 3.50 -2.28 6.93
C ASN B 43 2.54 -3.28 6.30
N ALA B 44 1.49 -3.65 7.01
CA ALA B 44 0.70 -4.82 6.60
C ALA B 44 0.03 -4.60 5.24
N SER B 45 -0.49 -3.41 4.98
N SER B 45 -0.51 -3.42 5.00
CA SER B 45 -1.18 -3.22 3.70
CA SER B 45 -1.17 -3.17 3.72
C SER B 45 -0.19 -3.22 2.54
C SER B 45 -0.19 -3.27 2.56
N CYS B 46 1.00 -2.68 2.72
CA CYS B 46 2.00 -2.68 1.64
C CYS B 46 2.50 -4.10 1.40
N ILE B 47 2.68 -4.88 2.46
CA ILE B 47 3.17 -6.25 2.32
C ILE B 47 2.17 -7.09 1.52
N VAL B 48 0.88 -6.98 1.85
CA VAL B 48 -0.16 -7.71 1.14
C VAL B 48 -0.22 -7.26 -0.31
N SER B 49 -0.12 -5.94 -0.53
CA SER B 49 -0.19 -5.42 -1.89
C SER B 49 0.94 -5.97 -2.74
N ASP B 50 2.16 -5.94 -2.21
CA ASP B 50 3.30 -6.39 -3.03
C ASP B 50 3.15 -7.88 -3.37
N ALA B 51 2.65 -8.68 -2.43
CA ALA B 51 2.55 -10.12 -2.64
C ALA B 51 1.47 -10.45 -3.68
N VAL B 52 0.28 -9.87 -3.56
CA VAL B 52 -0.78 -10.19 -4.51
C VAL B 52 -0.47 -9.57 -5.87
N SER B 53 0.10 -8.38 -5.87
CA SER B 53 0.44 -7.74 -7.15
C SER B 53 1.53 -8.53 -7.88
N GLY B 54 2.52 -9.04 -7.14
CA GLY B 54 3.60 -9.76 -7.82
C GLY B 54 3.16 -11.14 -8.29
N MET B 55 2.34 -11.83 -7.48
CA MET B 55 1.64 -13.00 -7.92
C MET B 55 1.01 -12.79 -9.29
N ILE B 56 0.31 -11.67 -9.42
CA ILE B 56 -0.43 -11.39 -10.62
C ILE B 56 0.46 -10.96 -11.79
N CYS B 57 1.45 -10.07 -11.56
CA CYS B 57 2.27 -9.67 -12.68
C CYS B 57 3.12 -10.84 -13.21
N GLU B 58 3.49 -11.78 -12.35
CA GLU B 58 4.14 -13.00 -12.84
C GLU B 58 3.19 -13.86 -13.64
N ASN B 59 1.92 -13.98 -13.20
CA ASN B 59 0.92 -14.80 -13.90
C ASN B 59 -0.35 -14.00 -14.14
N PRO B 60 -0.39 -13.17 -15.18
CA PRO B 60 -1.56 -12.30 -15.41
C PRO B 60 -2.84 -13.04 -15.63
N ALA B 61 -2.79 -14.33 -16.02
CA ALA B 61 -3.99 -15.13 -16.15
C ALA B 61 -4.86 -15.10 -14.91
N LEU B 62 -4.30 -14.77 -13.75
CA LEU B 62 -5.09 -14.77 -12.53
C LEU B 62 -6.17 -13.70 -12.54
N ILE B 63 -5.99 -12.62 -13.32
CA ILE B 63 -7.03 -11.61 -13.46
C ILE B 63 -7.61 -11.59 -14.88
N SER B 64 -7.40 -12.63 -15.68
CA SER B 64 -8.13 -12.81 -16.91
C SER B 64 -9.58 -13.16 -16.61
N PRO B 65 -10.49 -12.99 -17.59
CA PRO B 65 -11.93 -13.06 -17.27
C PRO B 65 -12.35 -14.34 -16.63
N SER B 66 -11.51 -15.37 -16.65
CA SER B 66 -11.82 -16.64 -16.02
C SER B 66 -10.94 -16.97 -14.84
N GLY B 67 -9.95 -16.15 -14.52
CA GLY B 67 -8.97 -16.44 -13.48
C GLY B 67 -9.48 -16.25 -12.06
N CYS B 69 -8.69 -14.53 -9.49
CA CYS B 69 -8.73 -13.20 -8.86
C CYS B 69 -9.62 -12.26 -9.66
N TYR B 70 -10.25 -12.79 -10.71
CA TYR B 70 -11.20 -12.00 -11.49
C TYR B 70 -12.46 -11.69 -10.68
N THR B 71 -12.98 -10.48 -10.85
CA THR B 71 -14.12 -9.93 -10.12
C THR B 71 -13.69 -9.37 -8.76
N ASN B 72 -14.36 -8.27 -8.35
CA ASN B 72 -14.04 -7.63 -7.09
C ASN B 72 -14.21 -8.60 -5.94
N ARG B 73 -15.25 -9.46 -5.97
CA ARG B 73 -15.48 -10.37 -4.85
C ARG B 73 -14.30 -11.30 -4.63
N ARG B 74 -13.74 -11.86 -5.70
CA ARG B 74 -12.65 -12.80 -5.53
C ARG B 74 -11.36 -12.08 -5.19
N MET B 75 -11.08 -10.97 -5.87
CA MET B 75 -9.91 -10.16 -5.54
C MET B 75 -9.92 -9.81 -4.05
N ALA B 76 -11.08 -9.38 -3.56
CA ALA B 76 -11.20 -9.05 -2.14
C ALA B 76 -10.86 -10.25 -1.26
N ALA B 77 -11.38 -11.42 -1.62
CA ALA B 77 -11.12 -12.60 -0.83
C ALA B 77 -9.62 -12.93 -0.83
N CYS B 78 -8.97 -12.77 -1.97
CA CYS B 78 -7.54 -13.06 -2.03
C CYS B 78 -6.74 -12.06 -1.20
N LEU B 79 -6.99 -10.75 -1.39
CA LEU B 79 -6.34 -9.74 -0.56
C LEU B 79 -6.58 -10.05 0.91
N ARG B 80 -7.81 -10.48 1.23
CA ARG B 80 -8.18 -10.80 2.62
C ARG B 80 -7.34 -11.95 3.14
N ASP B 81 -7.26 -13.04 2.37
CA ASP B 81 -6.51 -14.23 2.78
C ASP B 81 -5.02 -13.93 2.98
N ALA B 82 -4.42 -13.16 2.08
CA ALA B 82 -3.01 -12.80 2.27
C ALA B 82 -2.81 -12.09 3.61
N GLU B 83 -3.72 -11.18 3.95
CA GLU B 83 -3.65 -10.51 5.24
C GLU B 83 -3.89 -11.48 6.39
N ILE B 84 -4.84 -12.41 6.26
CA ILE B 84 -5.07 -13.38 7.32
C ILE B 84 -3.78 -14.17 7.57
N ILE B 85 -3.19 -14.69 6.51
CA ILE B 85 -1.95 -15.44 6.66
C ILE B 85 -0.87 -14.58 7.31
N LEU B 86 -0.68 -13.35 6.80
CA LEU B 86 0.30 -12.45 7.36
C LEU B 86 0.07 -12.21 8.85
N ARG B 87 -1.17 -11.98 9.27
CA ARG B 87 -1.43 -11.65 10.67
C ARG B 87 -1.16 -12.85 11.57
N TYR B 88 -1.44 -14.07 11.11
CA TYR B 88 -1.14 -15.24 11.94
C TYR B 88 0.36 -15.47 12.02
N VAL B 89 1.10 -15.14 10.96
CA VAL B 89 2.56 -15.15 11.06
C VAL B 89 3.03 -14.08 12.05
N SER B 90 2.43 -12.87 12.02
CA SER B 90 2.83 -11.87 12.99
C SER B 90 2.55 -12.32 14.42
N TYR B 91 1.46 -13.07 14.63
CA TYR B 91 1.16 -13.59 15.95
C TYR B 91 2.14 -14.68 16.35
N SER B 92 2.56 -15.51 15.40
CA SER B 92 3.58 -16.52 15.68
C SER B 92 4.86 -15.85 16.14
N LEU B 93 5.22 -14.72 15.53
CA LEU B 93 6.44 -14.01 15.92
C LEU B 93 6.28 -13.34 17.29
N LEU B 94 5.08 -12.83 17.59
CA LEU B 94 4.85 -12.24 18.91
C LEU B 94 4.99 -13.28 20.00
N SER B 95 4.44 -14.46 19.77
CA SER B 95 4.37 -15.50 20.78
CA SER B 95 4.37 -15.50 20.78
C SER B 95 5.56 -16.44 20.76
N GLY B 96 6.30 -16.49 19.67
CA GLY B 96 7.45 -17.37 19.59
C GLY B 96 7.13 -18.80 19.26
N ASP B 97 5.96 -19.10 18.72
CA ASP B 97 5.71 -20.45 18.23
C ASP B 97 4.56 -20.41 17.24
N SER B 98 4.39 -21.53 16.52
CA SER B 98 3.48 -21.60 15.39
C SER B 98 2.22 -22.39 15.68
N SER B 99 1.91 -22.67 16.96
CA SER B 99 0.80 -23.58 17.25
C SER B 99 -0.53 -22.99 16.77
N VAL B 100 -0.77 -21.70 17.04
CA VAL B 100 -2.02 -21.08 16.63
C VAL B 100 -2.07 -20.95 15.11
N LEU B 101 -0.95 -20.58 14.49
CA LEU B 101 -0.89 -20.53 13.03
C LEU B 101 -1.26 -21.87 12.41
N GLU B 102 -0.66 -22.96 12.90
CA GLU B 102 -0.96 -24.28 12.34
CA GLU B 102 -0.96 -24.28 12.34
C GLU B 102 -2.41 -24.67 12.62
N ASP B 103 -2.90 -24.42 13.84
CA ASP B 103 -4.22 -24.89 14.23
C ASP B 103 -5.33 -24.06 13.58
N ARG B 104 -5.20 -22.72 13.60
CA ARG B 104 -6.31 -21.86 13.23
C ARG B 104 -6.18 -21.24 11.85
N CYS B 105 -5.05 -21.38 11.19
CA CYS B 105 -4.87 -20.77 9.87
C CYS B 105 -4.52 -21.76 8.78
N LEU B 106 -3.77 -22.83 9.10
CA LEU B 106 -3.31 -23.78 8.08
C LEU B 106 -4.09 -25.09 8.07
N SER B 107 -4.48 -25.61 9.23
CA SER B 107 -5.17 -26.88 9.27
C SER B 107 -6.50 -26.81 8.54
N GLY B 108 -6.64 -27.62 7.48
CA GLY B 108 -7.81 -27.60 6.63
C GLY B 108 -7.79 -26.59 5.49
N LEU B 109 -6.75 -25.75 5.40
CA LEU B 109 -6.77 -24.70 4.37
C LEU B 109 -6.43 -25.26 2.99
N LYS B 110 -5.51 -26.21 2.91
CA LYS B 110 -5.20 -26.78 1.60
C LYS B 110 -6.42 -27.45 0.98
N GLU B 111 -7.22 -28.21 1.76
CA GLU B 111 -8.40 -28.82 1.14
C GLU B 111 -9.47 -27.78 0.82
N THR B 112 -9.59 -26.74 1.63
CA THR B 112 -10.46 -25.64 1.25
C THR B 112 -10.06 -25.08 -0.10
N TYR B 113 -8.78 -24.77 -0.26
CA TYR B 113 -8.30 -24.19 -1.52
C TYR B 113 -8.49 -25.17 -2.67
N SER B 114 -8.27 -26.47 -2.43
CA SER B 114 -8.42 -27.45 -3.51
C SER B 114 -9.88 -27.54 -3.95
N SER B 115 -10.80 -27.50 -2.99
CA SER B 115 -12.22 -27.54 -3.32
C SER B 115 -12.65 -26.30 -4.08
N LEU B 116 -12.11 -25.14 -3.72
CA LEU B 116 -12.48 -23.92 -4.40
C LEU B 116 -11.79 -23.73 -5.74
N GLY B 117 -10.62 -24.39 -5.94
CA GLY B 117 -9.78 -24.09 -7.08
C GLY B 117 -8.84 -22.90 -6.91
N VAL B 118 -8.48 -22.53 -5.69
CA VAL B 118 -7.52 -21.45 -5.43
C VAL B 118 -6.14 -21.98 -5.78
N PRO B 119 -5.42 -21.40 -6.73
CA PRO B 119 -4.22 -22.07 -7.28
C PRO B 119 -3.04 -22.07 -6.33
N THR B 120 -2.47 -23.27 -6.17
CA THR B 120 -1.36 -23.49 -5.27
C THR B 120 -0.16 -22.63 -5.63
N ALA B 121 0.21 -22.59 -6.91
CA ALA B 121 1.39 -21.82 -7.29
C ALA B 121 1.20 -20.33 -6.99
N GLY B 122 -0.03 -19.84 -7.05
CA GLY B 122 -0.25 -18.46 -6.69
C GLY B 122 0.01 -18.22 -5.21
N ASN B 123 -0.54 -19.08 -4.36
CA ASN B 123 -0.29 -18.94 -2.93
C ASN B 123 1.19 -19.07 -2.62
N LEU B 124 1.89 -19.97 -3.33
CA LEU B 124 3.31 -20.12 -3.04
C LEU B 124 4.09 -18.85 -3.41
N ARG B 125 3.71 -18.21 -4.52
CA ARG B 125 4.38 -16.96 -4.87
C ARG B 125 4.02 -15.83 -3.91
N ALA B 126 2.73 -15.67 -3.57
CA ALA B 126 2.35 -14.61 -2.65
C ALA B 126 3.05 -14.76 -1.30
N VAL B 127 3.04 -15.98 -0.73
CA VAL B 127 3.71 -16.22 0.54
C VAL B 127 5.22 -15.91 0.43
N GLY B 128 5.85 -16.33 -0.65
CA GLY B 128 7.27 -16.03 -0.83
C GLY B 128 7.58 -14.55 -0.83
N ILE B 129 6.75 -13.75 -1.49
CA ILE B 129 6.95 -12.29 -1.51
C ILE B 129 6.78 -11.73 -0.11
N MET B 130 5.75 -12.21 0.60
CA MET B 130 5.48 -11.73 1.95
C MET B 130 6.68 -12.04 2.84
N LYS B 131 7.24 -13.24 2.70
CA LYS B 131 8.40 -13.60 3.50
C LYS B 131 9.57 -12.68 3.20
N ALA B 132 9.86 -12.45 1.91
CA ALA B 132 11.00 -11.61 1.55
C ALA B 132 10.79 -10.18 2.05
N THR B 133 9.57 -9.67 1.91
CA THR B 133 9.30 -8.30 2.33
C THR B 133 9.43 -8.15 3.84
N CYS B 134 8.87 -9.08 4.60
CA CYS B 134 8.95 -9.00 6.06
C CYS B 134 10.39 -9.03 6.54
N VAL B 135 11.18 -9.95 5.96
CA VAL B 135 12.58 -10.08 6.36
C VAL B 135 13.33 -8.79 6.11
N ALA B 136 13.05 -8.12 4.98
CA ALA B 136 13.73 -6.87 4.65
C ALA B 136 13.30 -5.75 5.62
N PHE B 137 12.01 -5.67 5.96
CA PHE B 137 11.58 -4.66 6.91
C PHE B 137 12.18 -4.96 8.30
N ILE B 138 12.16 -6.21 8.72
CA ILE B 138 12.72 -6.58 10.02
C ILE B 138 14.19 -6.17 10.10
N ASN B 139 14.96 -6.49 9.05
CA ASN B 139 16.39 -6.19 9.02
C ASN B 139 16.68 -4.75 8.60
N ASN B 140 15.66 -3.97 8.30
CA ASN B 140 15.81 -2.56 7.91
C ASN B 140 16.65 -2.40 6.66
N THR B 141 16.51 -3.36 5.72
CA THR B 141 17.17 -3.28 4.43
C THR B 141 16.20 -2.94 3.31
N SER B 142 14.93 -2.72 3.66
CA SER B 142 13.95 -2.19 2.74
C SER B 142 14.32 -0.76 2.33
N GLN B 143 13.75 -0.31 1.23
CA GLN B 143 13.94 1.08 0.79
C GLN B 143 13.49 2.06 1.86
N GLN B 144 12.26 1.89 2.40
CA GLN B 144 11.75 2.70 3.49
C GLN B 144 12.24 2.14 4.82
N LYS B 145 12.67 3.03 5.73
CA LYS B 145 13.18 2.63 7.04
C LYS B 145 12.52 3.52 8.10
N LYS B 146 11.21 3.39 8.22
CA LYS B 146 10.47 4.37 9.01
C LYS B 146 10.54 4.11 10.50
N LEU B 147 10.86 2.88 10.92
CA LEU B 147 10.91 2.51 12.32
C LEU B 147 12.37 2.54 12.79
N SER B 148 12.64 3.37 13.78
CA SER B 148 13.99 3.53 14.31
C SER B 148 14.28 2.47 15.39
N THR B 149 15.41 1.80 15.24
CA THR B 149 15.87 0.85 16.23
C THR B 149 17.31 1.17 16.58
N PRO B 150 17.75 0.82 17.80
CA PRO B 150 19.18 0.80 18.07
C PRO B 150 19.85 -0.23 17.18
N ALA B 151 21.12 0.03 16.84
CA ALA B 151 21.85 -0.83 15.92
C ALA B 151 22.07 -2.21 16.53
N GLY B 152 21.97 -3.22 15.69
CA GLY B 152 22.24 -4.58 16.13
C GLY B 152 21.85 -5.59 15.08
N ASP B 153 21.95 -6.85 15.45
CA ASP B 153 21.78 -8.00 14.55
C ASP B 153 20.43 -8.66 14.86
N CYS B 154 19.51 -8.64 13.89
CA CYS B 154 18.22 -9.30 14.05
C CYS B 154 18.08 -10.54 13.19
N SER B 155 19.21 -11.13 12.75
CA SER B 155 19.12 -12.26 11.84
C SER B 155 18.36 -13.43 12.44
N ALA B 156 18.43 -13.64 13.76
CA ALA B 156 17.74 -14.79 14.33
C ALA B 156 16.23 -14.62 14.25
N LEU B 157 15.71 -13.42 14.57
CA LEU B 157 14.30 -13.17 14.43
C LEU B 157 13.87 -13.23 12.97
N ALA B 158 14.72 -12.76 12.05
CA ALA B 158 14.36 -12.83 10.63
C ALA B 158 14.26 -14.27 10.19
N SER B 159 15.18 -15.13 10.66
N SER B 159 15.18 -15.14 10.67
CA SER B 159 15.14 -16.54 10.29
CA SER B 159 15.14 -16.55 10.30
C SER B 159 13.93 -17.23 10.91
C SER B 159 13.94 -17.23 10.92
N GLU B 160 13.56 -16.82 12.12
CA GLU B 160 12.37 -17.37 12.78
C GLU B 160 11.11 -17.05 11.98
N VAL B 161 10.94 -15.80 11.52
CA VAL B 161 9.74 -15.50 10.75
C VAL B 161 9.79 -16.20 9.40
N ALA B 162 10.99 -16.32 8.81
CA ALA B 162 11.12 -17.07 7.58
C ALA B 162 10.65 -18.50 7.78
N GLY B 163 10.92 -19.07 8.95
CA GLY B 163 10.44 -20.42 9.24
C GLY B 163 8.92 -20.48 9.26
N TYR B 164 8.27 -19.44 9.80
CA TYR B 164 6.80 -19.45 9.88
C TYR B 164 6.19 -19.42 8.48
N PHE B 165 6.70 -18.53 7.61
CA PHE B 165 6.19 -18.49 6.23
C PHE B 165 6.43 -19.82 5.51
N ASP B 166 7.57 -20.46 5.77
CA ASP B 166 7.83 -21.76 5.16
C ASP B 166 6.85 -22.83 5.64
N LYS B 167 6.34 -22.71 6.85
CA LYS B 167 5.31 -23.67 7.26
C LYS B 167 4.01 -23.44 6.49
N VAL B 168 3.71 -22.18 6.17
CA VAL B 168 2.56 -21.88 5.32
C VAL B 168 2.75 -22.54 3.97
N SER B 169 3.91 -22.28 3.35
CA SER B 169 4.20 -22.86 2.05
C SER B 169 4.11 -24.38 2.10
N ALA B 170 4.68 -24.98 3.15
CA ALA B 170 4.66 -26.45 3.27
C ALA B 170 3.23 -26.97 3.36
N ALA B 171 2.35 -26.24 4.07
CA ALA B 171 0.97 -26.71 4.22
C ALA B 171 0.17 -26.55 2.94
N LEU B 172 0.50 -25.57 2.10
CA LEU B 172 -0.27 -25.29 0.92
C LEU B 172 0.28 -25.92 -0.35
N ALA B 173 1.51 -26.44 -0.32
CA ALA B 173 2.18 -26.92 -1.52
C ALA B 173 1.59 -28.23 -2.02
N ALA C 1 -12.63 26.02 -10.82
CA ALA C 1 -12.94 25.88 -9.38
C ALA C 1 -13.22 24.40 -9.14
N ILE C 2 -12.86 23.90 -7.95
CA ILE C 2 -13.17 22.49 -7.63
C ILE C 2 -14.68 22.30 -7.67
N LYS C 3 -15.11 21.14 -8.13
CA LYS C 3 -16.52 20.90 -8.30
C LYS C 3 -17.17 20.42 -7.01
N ASP C 5 -17.24 17.41 -6.07
CA ASP C 5 -17.82 16.08 -6.33
C ASP C 5 -16.76 15.00 -6.15
N GLN C 6 -15.56 15.41 -5.75
CA GLN C 6 -14.46 14.50 -5.41
C GLN C 6 -14.07 13.60 -6.58
N LYS C 7 -14.28 14.04 -7.80
CA LYS C 7 -13.95 13.24 -8.97
CA LYS C 7 -13.95 13.23 -8.98
C LYS C 7 -12.57 13.62 -9.50
N ALA C 8 -11.77 12.63 -9.86
CA ALA C 8 -10.42 12.82 -10.34
C ALA C 8 -10.11 11.85 -11.49
N PRO C 9 -9.16 12.20 -12.34
CA PRO C 9 -8.81 11.32 -13.46
C PRO C 9 -8.00 10.11 -13.00
N VAL C 10 -8.45 8.93 -13.39
CA VAL C 10 -7.79 7.67 -13.09
C VAL C 10 -7.10 7.17 -14.38
N VAL C 11 -5.77 7.12 -14.35
CA VAL C 11 -4.95 6.74 -15.52
C VAL C 11 -4.48 5.32 -15.33
N THR C 12 -4.61 4.51 -16.38
CA THR C 12 -4.07 3.15 -16.37
C THR C 12 -3.17 2.99 -17.58
N ILE C 13 -1.99 2.41 -17.36
CA ILE C 13 -0.94 2.28 -18.37
C ILE C 13 -0.79 0.80 -18.70
N PHE C 14 -1.08 0.42 -19.93
CA PHE C 14 -0.98 -0.98 -20.40
C PHE C 14 0.17 -1.12 -21.41
N ASP C 15 1.33 -1.52 -20.92
CA ASP C 15 2.44 -1.90 -21.79
C ASP C 15 2.27 -3.39 -22.01
N ALA C 16 1.48 -3.74 -23.02
CA ALA C 16 1.07 -5.12 -23.21
C ALA C 16 1.88 -5.81 -24.31
N ARG C 17 3.11 -5.35 -24.59
CA ARG C 17 3.90 -6.00 -25.60
C ARG C 17 4.10 -7.47 -25.25
N GLY C 18 3.85 -8.35 -26.22
CA GLY C 18 4.01 -9.78 -26.04
C GLY C 18 2.80 -10.47 -25.43
N CYS C 19 1.85 -9.72 -24.91
CA CYS C 19 0.65 -10.35 -24.36
C CYS C 19 -0.29 -10.70 -25.50
N LYS C 20 -0.80 -11.93 -25.51
CA LYS C 20 -1.67 -12.39 -26.56
C LYS C 20 -3.09 -12.73 -26.09
N ASP C 21 -3.29 -13.01 -24.81
CA ASP C 21 -4.55 -13.59 -24.41
C ASP C 21 -5.62 -12.57 -24.13
N HIS C 22 -5.34 -11.27 -24.20
CA HIS C 22 -6.37 -10.26 -24.10
C HIS C 22 -6.74 -9.77 -25.49
N SER C 23 -8.05 -9.67 -25.76
N SER C 23 -8.05 -9.70 -25.78
CA SER C 23 -8.55 -9.17 -27.03
CA SER C 23 -8.52 -9.18 -27.06
C SER C 23 -8.43 -7.66 -27.05
C SER C 23 -8.41 -7.66 -27.04
N ASN C 24 -7.52 -7.14 -27.88
CA ASN C 24 -7.26 -5.69 -27.95
C ASN C 24 -8.37 -5.02 -28.74
N LYS C 25 -9.54 -4.98 -28.11
CA LYS C 25 -10.76 -4.49 -28.74
C LYS C 25 -11.20 -3.11 -28.23
N GLU C 26 -10.50 -2.53 -27.25
CA GLU C 26 -10.95 -1.29 -26.65
C GLU C 26 -10.55 -0.07 -27.44
N TYR C 27 -9.34 -0.08 -28.02
CA TYR C 27 -8.87 0.98 -28.92
C TYR C 27 -9.35 0.65 -30.33
N THR C 28 -10.07 1.59 -30.95
CA THR C 28 -10.64 1.33 -32.25
C THR C 28 -10.09 2.27 -33.31
N GLY C 29 -8.98 2.98 -33.03
CA GLY C 29 -8.35 3.80 -34.04
C GLY C 29 -7.42 3.02 -34.93
N ALA C 30 -6.78 3.75 -35.82
CA ALA C 30 -5.86 3.15 -36.78
C ALA C 30 -4.66 2.52 -36.06
N LYS C 31 -4.12 1.48 -36.67
CA LYS C 31 -2.92 0.86 -36.14
C LYS C 31 -1.68 1.69 -36.45
N ALA C 32 -0.68 1.57 -35.60
CA ALA C 32 0.61 2.21 -35.81
C ALA C 32 1.52 1.43 -36.77
N GLY C 33 1.34 0.12 -36.90
CA GLY C 33 2.35 -0.67 -37.57
C GLY C 33 3.62 -0.76 -36.77
N GLY C 34 3.51 -0.86 -35.46
CA GLY C 34 4.64 -0.77 -34.55
C GLY C 34 4.25 -1.23 -33.16
N MET C 35 5.17 -0.97 -32.22
N MET C 35 5.14 -0.97 -32.20
CA MET C 35 4.99 -1.48 -30.87
CA MET C 35 4.94 -1.55 -30.89
C MET C 35 3.72 -0.96 -30.22
C MET C 35 3.73 -0.95 -30.16
N GLU C 36 3.34 0.28 -30.53
CA GLU C 36 2.16 0.88 -29.95
C GLU C 36 0.88 0.07 -30.22
N ASP C 37 0.87 -0.81 -31.19
CA ASP C 37 -0.32 -1.62 -31.36
C ASP C 37 -0.51 -2.59 -30.20
N ASP C 38 0.51 -2.77 -29.36
CA ASP C 38 0.45 -3.58 -28.16
C ASP C 38 0.46 -2.74 -26.88
N GLN C 39 0.16 -1.44 -27.00
CA GLN C 39 0.27 -0.49 -25.89
C GLN C 39 -0.97 0.38 -25.85
N CYS C 40 -1.43 0.71 -24.64
CA CYS C 40 -2.66 1.48 -24.50
C CYS C 40 -2.64 2.26 -23.18
N VAL C 41 -3.11 3.49 -23.23
CA VAL C 41 -3.42 4.31 -22.07
C VAL C 41 -4.93 4.39 -21.92
N LYS C 42 -5.44 4.17 -20.71
CA LYS C 42 -6.86 4.35 -20.41
C LYS C 42 -7.04 5.51 -19.45
N LEU C 43 -8.08 6.29 -19.65
CA LEU C 43 -8.39 7.38 -18.73
C LEU C 43 -9.89 7.38 -18.47
N THR C 44 -10.25 7.41 -17.19
CA THR C 44 -11.62 7.64 -16.78
C THR C 44 -11.62 8.71 -15.70
N MET C 45 -12.79 9.28 -15.49
CA MET C 45 -13.04 10.25 -14.43
CA MET C 45 -13.04 10.25 -14.43
C MET C 45 -13.94 9.57 -13.41
N GLU C 46 -13.44 9.43 -12.18
CA GLU C 46 -14.18 8.74 -11.14
C GLU C 46 -14.25 9.51 -9.83
N THR C 47 -15.38 9.33 -9.15
CA THR C 47 -15.48 9.66 -7.73
C THR C 47 -14.43 8.87 -6.96
N ILE C 48 -13.54 9.56 -6.27
CA ILE C 48 -12.53 8.92 -5.46
C ILE C 48 -13.18 8.58 -4.13
N LYS C 49 -13.16 7.29 -3.78
CA LYS C 49 -13.74 6.74 -2.57
C LYS C 49 -12.71 5.91 -1.84
N VAL C 50 -12.84 5.87 -0.52
CA VAL C 50 -11.99 5.10 0.37
C VAL C 50 -12.91 4.29 1.29
N GLY C 51 -12.78 2.98 1.21
CA GLY C 51 -13.63 2.13 2.03
C GLY C 51 -13.28 2.22 3.50
N ASP C 52 -14.27 1.86 4.33
CA ASP C 52 -14.02 1.86 5.76
C ASP C 52 -12.91 0.89 6.14
N ASP C 53 -12.75 -0.18 5.35
CA ASP C 53 -11.70 -1.16 5.62
C ASP C 53 -10.33 -0.49 5.54
N VAL C 54 -10.11 0.30 4.50
CA VAL C 54 -8.81 0.98 4.38
C VAL C 54 -8.65 2.04 5.45
N ALA C 55 -9.68 2.84 5.70
CA ALA C 55 -9.58 3.84 6.76
C ALA C 55 -9.19 3.22 8.09
N ALA C 56 -9.78 2.07 8.41
CA ALA C 56 -9.49 1.40 9.68
C ALA C 56 -8.09 0.81 9.69
N LYS C 57 -7.64 0.24 8.55
CA LYS C 57 -6.32 -0.39 8.50
C LYS C 57 -5.20 0.64 8.54
N VAL C 58 -5.39 1.76 7.85
CA VAL C 58 -4.39 2.83 7.91
C VAL C 58 -4.31 3.40 9.32
N LEU C 59 -5.48 3.62 9.97
CA LEU C 59 -5.45 4.00 11.36
C LEU C 59 -4.71 2.97 12.21
N GLY C 60 -4.97 1.68 11.96
CA GLY C 60 -4.27 0.65 12.73
C GLY C 60 -2.76 0.70 12.58
N GLU C 61 -2.27 0.98 11.36
N GLU C 61 -2.27 1.06 11.39
CA GLU C 61 -0.83 1.19 11.17
CA GLU C 61 -0.83 1.16 11.21
C GLU C 61 -0.36 2.39 11.98
C GLU C 61 -0.28 2.44 11.85
N CYS C 62 -1.04 3.53 11.81
CA CYS C 62 -0.66 4.75 12.51
C CYS C 62 -0.49 4.50 13.98
N LEU C 63 -1.46 3.84 14.59
CA LEU C 63 -1.45 3.61 16.04
C LEU C 63 -0.28 2.72 16.43
N SER C 64 0.25 1.95 15.48
CA SER C 64 1.37 1.08 15.73
C SER C 64 2.70 1.78 15.53
N GLU C 65 2.72 3.07 15.18
CA GLU C 65 3.97 3.71 14.82
C GLU C 65 4.05 5.18 15.22
N LEU C 66 3.26 5.64 16.18
CA LEU C 66 3.40 7.01 16.69
C LEU C 66 4.82 7.18 17.21
N LYS C 67 5.52 8.23 16.77
CA LYS C 67 6.94 8.29 17.01
C LYS C 67 7.24 8.50 18.50
N SER C 68 8.14 7.69 19.03
CA SER C 68 8.55 7.86 20.41
C SER C 68 9.45 9.09 20.53
N ARG C 69 9.46 9.67 21.71
CA ARG C 69 10.27 10.83 22.05
C ARG C 69 11.13 10.48 23.24
N LYS C 70 12.44 10.59 23.06
CA LYS C 70 13.39 10.27 24.11
C LYS C 70 14.78 10.80 23.73
N PHE D 1 -7.28 14.28 -24.07
CA PHE D 1 -7.91 13.74 -22.86
C PHE D 1 -8.89 14.73 -22.25
N SER D 2 -8.97 15.94 -22.80
CA SER D 2 -9.85 16.95 -22.23
C SER D 2 -11.29 16.47 -22.15
N ARG D 3 -11.73 15.63 -23.09
CA ARG D 3 -13.13 15.19 -23.11
C ARG D 3 -13.51 14.55 -21.78
N VAL D 4 -12.71 13.57 -21.35
CA VAL D 4 -13.10 12.73 -20.22
C VAL D 4 -13.17 13.54 -18.95
N VAL D 5 -12.30 14.56 -18.81
CA VAL D 5 -12.27 15.39 -17.61
C VAL D 5 -13.51 16.28 -17.55
N THR D 6 -13.92 16.83 -18.69
CA THR D 6 -15.08 17.72 -18.78
C THR D 6 -16.24 17.05 -19.52
N ALA D 12 -14.99 6.47 -21.09
CA ALA D 12 -13.57 6.04 -20.99
C ALA D 12 -12.84 6.28 -22.29
N ALA D 13 -11.64 6.83 -22.20
CA ALA D 13 -10.79 7.03 -23.36
C ALA D 13 -9.73 5.93 -23.40
N TYR D 14 -9.50 5.41 -24.61
CA TYR D 14 -8.43 4.44 -24.87
C TYR D 14 -7.53 4.99 -25.95
N VAL D 15 -6.28 5.28 -25.61
CA VAL D 15 -5.32 5.82 -26.56
C VAL D 15 -4.24 4.77 -26.76
N GLY D 16 -4.23 4.15 -27.95
CA GLY D 16 -3.29 3.13 -28.28
C GLY D 16 -2.89 3.26 -29.73
N GLY D 17 -2.10 2.31 -30.24
CA GLY D 17 -1.85 2.28 -31.68
C GLY D 17 -1.36 3.63 -32.22
N ALA D 18 -1.89 4.03 -33.39
CA ALA D 18 -1.41 5.26 -34.02
C ALA D 18 -1.77 6.50 -33.21
N ASP D 19 -2.87 6.47 -32.47
CA ASP D 19 -3.19 7.60 -31.61
C ASP D 19 -2.12 7.78 -30.52
N LEU D 20 -1.64 6.67 -29.96
CA LEU D 20 -0.59 6.74 -28.95
C LEU D 20 0.73 7.17 -29.56
N GLN D 21 1.04 6.65 -30.73
CA GLN D 21 2.22 7.10 -31.46
C GLN D 21 2.19 8.62 -31.64
N ALA D 22 1.03 9.16 -32.04
CA ALA D 22 0.89 10.59 -32.20
C ALA D 22 0.98 11.32 -30.86
N LEU D 23 0.37 10.77 -29.83
CA LEU D 23 0.39 11.43 -28.52
C LEU D 23 1.82 11.59 -28.02
N LYS D 24 2.69 10.60 -28.27
CA LYS D 24 4.06 10.66 -27.77
C LYS D 24 4.85 11.79 -28.44
N LYS D 25 4.55 12.10 -29.68
CA LYS D 25 5.22 13.22 -30.33
C LYS D 25 4.60 14.57 -29.99
N PHE D 26 3.58 14.60 -29.13
CA PHE D 26 2.98 15.85 -28.68
C PHE D 26 3.45 16.28 -27.31
N VAL D 27 4.13 15.41 -26.57
CA VAL D 27 4.71 15.74 -25.27
C VAL D 27 6.20 15.43 -25.35
N SER D 28 6.95 16.04 -24.45
CA SER D 28 8.36 15.71 -24.33
C SER D 28 8.50 14.35 -23.66
N GLU D 29 9.45 13.55 -24.16
CA GLU D 29 9.85 12.27 -23.54
C GLU D 29 8.66 11.36 -23.27
N GLY D 30 7.86 11.12 -24.31
CA GLY D 30 6.62 10.39 -24.12
C GLY D 30 6.78 9.05 -23.41
N ASN D 31 7.76 8.23 -23.85
CA ASN D 31 7.94 6.90 -23.26
C ASN D 31 8.28 7.00 -21.77
N LYS D 32 9.27 7.82 -21.42
CA LYS D 32 9.65 7.93 -20.01
C LYS D 32 8.50 8.52 -19.19
N ARG D 33 7.80 9.47 -19.76
CA ARG D 33 6.64 10.04 -19.10
C ARG D 33 5.61 8.96 -18.74
N LEU D 34 5.30 8.07 -19.68
CA LEU D 34 4.34 7.00 -19.41
C LEU D 34 4.86 6.04 -18.34
N ASP D 35 6.18 5.78 -18.33
CA ASP D 35 6.76 4.97 -17.26
C ASP D 35 6.58 5.62 -15.90
N ALA D 36 6.82 6.92 -15.80
CA ALA D 36 6.64 7.63 -14.56
C ALA D 36 5.20 7.58 -14.09
N VAL D 37 4.25 7.81 -14.99
CA VAL D 37 2.85 7.70 -14.59
C VAL D 37 2.56 6.31 -14.08
N ASN D 38 3.11 5.28 -14.76
CA ASN D 38 2.85 3.89 -14.39
C ASN D 38 3.32 3.61 -12.96
N ALA D 39 4.51 4.11 -12.63
CA ALA D 39 5.09 3.94 -11.30
C ALA D 39 4.20 4.57 -10.24
N ILE D 40 3.68 5.77 -10.52
CA ILE D 40 2.89 6.46 -9.53
C ILE D 40 1.54 5.78 -9.35
N VAL D 41 0.78 5.58 -10.45
CA VAL D 41 -0.56 5.06 -10.26
C VAL D 41 -0.53 3.62 -9.74
N SER D 42 0.46 2.82 -10.11
CA SER D 42 0.48 1.41 -9.69
C SER D 42 0.88 1.24 -8.23
N ASN D 43 1.38 2.29 -7.60
CA ASN D 43 1.74 2.30 -6.19
C ASN D 43 0.88 3.28 -5.41
N ALA D 44 -0.28 3.66 -5.94
CA ALA D 44 -1.02 4.80 -5.39
C ALA D 44 -1.40 4.57 -3.91
N SER D 45 -1.94 3.41 -3.58
CA SER D 45 -2.42 3.18 -2.22
C SER D 45 -1.31 3.37 -1.20
N CYS D 46 -0.13 2.83 -1.50
CA CYS D 46 1.02 3.00 -0.61
C CYS D 46 1.45 4.46 -0.56
N ILE D 47 1.59 5.11 -1.72
CA ILE D 47 2.02 6.51 -1.74
C ILE D 47 1.12 7.33 -0.82
N VAL D 48 -0.18 7.11 -0.92
CA VAL D 48 -1.15 7.91 -0.20
C VAL D 48 -1.14 7.58 1.29
N SER D 49 -1.15 6.28 1.62
CA SER D 49 -1.17 5.92 3.03
C SER D 49 0.14 6.25 3.72
N ASP D 50 1.26 6.13 3.01
CA ASP D 50 2.55 6.50 3.58
C ASP D 50 2.60 8.00 3.91
N ALA D 51 1.99 8.84 3.05
CA ALA D 51 2.01 10.26 3.29
C ALA D 51 1.06 10.64 4.45
N VAL D 52 -0.14 10.10 4.45
CA VAL D 52 -1.08 10.44 5.52
C VAL D 52 -0.60 9.86 6.86
N SER D 53 -0.08 8.63 6.85
CA SER D 53 0.39 8.05 8.13
CA SER D 53 0.40 8.04 8.12
C SER D 53 1.68 8.71 8.60
N GLY D 54 2.48 9.27 7.68
CA GLY D 54 3.68 9.98 8.11
C GLY D 54 3.34 11.33 8.71
N MET D 55 2.42 12.05 8.08
CA MET D 55 1.79 13.22 8.68
C MET D 55 1.37 12.95 10.12
N ILE D 56 0.70 11.82 10.31
CA ILE D 56 0.15 11.48 11.62
C ILE D 56 1.26 11.03 12.57
N CYS D 57 2.16 10.15 12.12
CA CYS D 57 3.16 9.63 13.07
C CYS D 57 4.08 10.75 13.57
N GLU D 58 4.28 11.80 12.78
CA GLU D 58 5.02 12.97 13.24
C GLU D 58 4.18 13.95 14.07
N ASN D 59 2.86 13.88 13.97
CA ASN D 59 1.96 14.77 14.73
C ASN D 59 0.76 13.97 15.18
N PRO D 60 0.94 13.12 16.20
CA PRO D 60 -0.11 12.19 16.58
C PRO D 60 -1.42 12.82 17.02
N ALA D 61 -1.41 14.08 17.45
CA ALA D 61 -2.63 14.78 17.83
C ALA D 61 -3.66 14.80 16.70
N LEU D 62 -3.24 14.56 15.44
CA LEU D 62 -4.19 14.54 14.34
C LEU D 62 -5.19 13.40 14.47
N ILE D 63 -4.86 12.31 15.16
CA ILE D 63 -5.83 11.25 15.43
C ILE D 63 -6.18 11.16 16.91
N SER D 64 -5.83 12.16 17.71
CA SER D 64 -6.42 12.32 19.04
C SER D 64 -7.89 12.68 18.90
N PRO D 65 -8.68 12.58 19.98
CA PRO D 65 -10.09 12.98 19.90
C PRO D 65 -10.28 14.41 19.43
N SER D 66 -9.25 15.25 19.57
CA SER D 66 -9.29 16.64 19.17
C SER D 66 -8.84 16.85 17.72
N GLY D 67 -8.21 15.87 17.11
CA GLY D 67 -7.58 16.00 15.83
C GLY D 67 -8.50 15.82 14.62
N CYS D 69 -8.32 14.16 11.94
CA CYS D 69 -8.41 12.81 11.35
C CYS D 69 -9.05 11.76 12.31
N TYR D 70 -9.60 12.22 13.41
CA TYR D 70 -10.30 11.34 14.34
C TYR D 70 -11.53 10.75 13.65
N THR D 71 -11.70 9.45 13.78
CA THR D 71 -12.80 8.64 13.24
C THR D 71 -12.46 8.12 11.86
N ASN D 72 -12.97 6.93 11.53
CA ASN D 72 -12.75 6.38 10.20
C ASN D 72 -13.26 7.32 9.12
N ARG D 73 -14.38 8.00 9.35
N ARG D 73 -14.40 8.00 9.35
CA ARG D 73 -14.92 8.84 8.28
CA ARG D 73 -14.94 8.86 8.30
C ARG D 73 -13.98 10.00 7.94
C ARG D 73 -13.97 9.99 7.94
N ARG D 74 -13.37 10.61 8.95
CA ARG D 74 -12.42 11.68 8.69
C ARG D 74 -11.15 11.12 8.04
N MET D 75 -10.64 10.00 8.56
CA MET D 75 -9.43 9.42 7.98
C MET D 75 -9.67 9.07 6.52
N ALA D 76 -10.86 8.57 6.21
CA ALA D 76 -11.17 8.21 4.83
C ALA D 76 -11.23 9.45 3.96
N ALA D 77 -11.77 10.55 4.47
CA ALA D 77 -11.83 11.77 3.68
C ALA D 77 -10.43 12.29 3.39
N CYS D 78 -9.52 12.19 4.38
CA CYS D 78 -8.15 12.68 4.22
C CYS D 78 -7.39 11.82 3.22
N LEU D 79 -7.47 10.49 3.38
CA LEU D 79 -6.85 9.59 2.43
C LEU D 79 -7.39 9.86 1.02
N ARG D 80 -8.70 10.04 0.90
CA ARG D 80 -9.33 10.38 -0.38
C ARG D 80 -8.70 11.63 -0.99
N ASP D 81 -8.62 12.71 -0.20
CA ASP D 81 -8.10 13.97 -0.73
C ASP D 81 -6.66 13.81 -1.19
N ALA D 82 -5.86 13.09 -0.39
CA ALA D 82 -4.47 12.90 -0.80
C ALA D 82 -4.41 12.15 -2.14
N GLU D 83 -5.33 11.21 -2.33
CA GLU D 83 -5.39 10.49 -3.61
C GLU D 83 -5.89 11.39 -4.73
N ILE D 84 -6.88 12.25 -4.45
CA ILE D 84 -7.33 13.22 -5.46
C ILE D 84 -6.15 14.07 -5.95
N ILE D 85 -5.39 14.63 -5.01
CA ILE D 85 -4.24 15.44 -5.34
C ILE D 85 -3.23 14.64 -6.16
N LEU D 86 -2.92 13.41 -5.73
CA LEU D 86 -1.95 12.58 -6.45
C LEU D 86 -2.42 12.30 -7.87
N ARG D 87 -3.70 12.05 -8.04
CA ARG D 87 -4.22 11.75 -9.38
C ARG D 87 -4.13 12.95 -10.28
N TYR D 88 -4.46 14.16 -9.76
CA TYR D 88 -4.36 15.35 -10.61
C TYR D 88 -2.90 15.68 -10.91
N VAL D 89 -1.99 15.36 -9.99
CA VAL D 89 -0.57 15.46 -10.35
C VAL D 89 -0.20 14.42 -11.42
N SER D 90 -0.68 13.18 -11.29
CA SER D 90 -0.40 12.15 -12.29
C SER D 90 -0.96 12.56 -13.65
N TYR D 91 -2.10 13.25 -13.66
CA TYR D 91 -2.65 13.72 -14.92
C TYR D 91 -1.81 14.85 -15.50
N SER D 92 -1.25 15.71 -14.64
CA SER D 92 -0.41 16.79 -15.13
C SER D 92 0.84 16.21 -15.78
N LEU D 93 1.40 15.15 -15.19
CA LEU D 93 2.56 14.48 -15.78
C LEU D 93 2.20 13.83 -17.11
N LEU D 94 1.02 13.20 -17.18
CA LEU D 94 0.59 12.59 -18.43
C LEU D 94 0.42 13.64 -19.51
N SER D 95 -0.21 14.77 -19.18
CA SER D 95 -0.56 15.79 -20.16
CA SER D 95 -0.56 15.80 -20.15
C SER D 95 0.54 16.82 -20.38
N GLY D 96 1.52 16.90 -19.50
CA GLY D 96 2.58 17.86 -19.64
C GLY D 96 2.22 19.28 -19.22
N ASP D 97 1.19 19.48 -18.41
CA ASP D 97 0.89 20.84 -17.96
C ASP D 97 -0.08 20.78 -16.80
N SER D 98 -0.22 21.91 -16.09
CA SER D 98 -0.89 21.94 -14.78
C SER D 98 -2.26 22.60 -14.85
N SER D 99 -2.75 22.88 -16.07
CA SER D 99 -4.00 23.61 -16.24
C SER D 99 -5.16 22.96 -15.50
N VAL D 100 -5.39 21.66 -15.72
CA VAL D 100 -6.50 20.97 -15.10
C VAL D 100 -6.28 20.88 -13.59
N LEU D 101 -5.06 20.57 -13.18
CA LEU D 101 -4.73 20.57 -11.75
C LEU D 101 -5.12 21.89 -11.08
N GLU D 102 -4.72 23.01 -11.65
CA GLU D 102 -5.02 24.30 -11.00
CA GLU D 102 -5.01 24.29 -10.98
C GLU D 102 -6.52 24.57 -10.98
N ASP D 103 -7.20 24.31 -12.09
CA ASP D 103 -8.62 24.64 -12.22
C ASP D 103 -9.54 23.68 -11.47
N ARG D 104 -9.27 22.39 -11.53
CA ARG D 104 -10.22 21.40 -11.04
C ARG D 104 -9.83 20.82 -9.69
N CYS D 105 -8.57 21.01 -9.25
CA CYS D 105 -8.13 20.49 -7.96
C CYS D 105 -7.76 21.57 -6.95
N LEU D 106 -7.15 22.67 -7.39
CA LEU D 106 -6.60 23.64 -6.46
C LEU D 106 -7.45 24.90 -6.32
N SER D 107 -8.10 25.35 -7.39
CA SER D 107 -8.90 26.58 -7.29
C SER D 107 -10.06 26.40 -6.33
N GLY D 108 -10.06 27.17 -5.23
CA GLY D 108 -11.10 27.10 -4.23
C GLY D 108 -10.84 26.13 -3.10
N LEU D 109 -9.74 25.38 -3.15
CA LEU D 109 -9.54 24.35 -2.14
C LEU D 109 -9.11 24.94 -0.80
N LYS D 110 -8.24 25.95 -0.80
CA LYS D 110 -7.79 26.51 0.48
C LYS D 110 -8.98 27.08 1.24
N GLU D 111 -9.86 27.79 0.53
CA GLU D 111 -11.05 28.34 1.15
CA GLU D 111 -11.04 28.35 1.15
C GLU D 111 -11.95 27.24 1.69
N THR D 112 -12.03 26.11 0.97
CA THR D 112 -12.81 24.97 1.46
C THR D 112 -12.24 24.41 2.76
N TYR D 113 -10.91 24.26 2.82
CA TYR D 113 -10.28 23.73 4.01
C TYR D 113 -10.38 24.71 5.16
N SER D 114 -10.26 26.01 4.88
N SER D 114 -10.27 26.02 4.89
CA SER D 114 -10.43 27.02 5.92
CA SER D 114 -10.43 27.02 5.93
C SER D 114 -11.82 26.95 6.52
C SER D 114 -11.82 26.95 6.54
N SER D 115 -12.84 26.77 5.68
CA SER D 115 -14.21 26.69 6.17
C SER D 115 -14.45 25.41 6.97
N LEU D 116 -13.73 24.32 6.64
CA LEU D 116 -13.89 23.06 7.33
C LEU D 116 -12.99 22.92 8.54
N GLY D 117 -11.97 23.77 8.68
CA GLY D 117 -10.97 23.55 9.71
C GLY D 117 -9.97 22.44 9.40
N VAL D 118 -9.80 22.07 8.13
CA VAL D 118 -8.79 21.07 7.76
C VAL D 118 -7.43 21.75 7.95
N PRO D 119 -6.52 21.21 8.77
CA PRO D 119 -5.32 21.98 9.15
C PRO D 119 -4.30 22.11 8.04
N THR D 120 -3.79 23.33 7.87
CA THR D 120 -2.81 23.62 6.84
C THR D 120 -1.50 22.86 7.07
N ALA D 121 -0.98 22.87 8.31
CA ALA D 121 0.30 22.23 8.58
C ALA D 121 0.30 20.78 8.14
N GLY D 122 -0.75 20.04 8.49
CA GLY D 122 -0.79 18.62 8.15
C GLY D 122 -0.87 18.42 6.65
N ASN D 123 -1.67 19.25 5.98
CA ASN D 123 -1.81 19.15 4.53
C ASN D 123 -0.45 19.33 3.85
N LEU D 124 0.30 20.35 4.28
CA LEU D 124 1.60 20.61 3.68
C LEU D 124 2.55 19.44 3.88
N ARG D 125 2.48 18.79 5.06
CA ARG D 125 3.36 17.66 5.30
C ARG D 125 2.95 16.46 4.46
N ALA D 126 1.65 16.17 4.36
CA ALA D 126 1.19 15.08 3.52
C ALA D 126 1.62 15.30 2.08
N VAL D 127 1.41 16.51 1.58
CA VAL D 127 1.82 16.81 0.19
C VAL D 127 3.32 16.65 0.07
N GLY D 128 4.07 17.13 1.06
CA GLY D 128 5.53 17.08 0.97
C GLY D 128 6.07 15.66 0.96
N ILE D 129 5.42 14.76 1.72
CA ILE D 129 5.82 13.36 1.68
C ILE D 129 5.49 12.73 0.30
N MET D 130 4.28 12.99 -0.21
CA MET D 130 3.96 12.50 -1.54
C MET D 130 4.97 13.03 -2.57
N LYS D 131 5.32 14.32 -2.52
CA LYS D 131 6.30 14.86 -3.46
C LYS D 131 7.62 14.08 -3.42
N ALA D 132 8.17 13.90 -2.22
CA ALA D 132 9.43 13.21 -2.09
C ALA D 132 9.35 11.79 -2.61
N THR D 133 8.22 11.13 -2.36
CA THR D 133 8.02 9.77 -2.83
C THR D 133 7.98 9.73 -4.35
N CYS D 134 7.19 10.62 -4.99
CA CYS D 134 7.10 10.58 -6.43
C CYS D 134 8.43 10.94 -7.09
N VAL D 135 9.11 11.94 -6.56
CA VAL D 135 10.43 12.28 -7.11
C VAL D 135 11.37 11.08 -7.04
N ALA D 136 11.33 10.32 -5.94
CA ALA D 136 12.20 9.18 -5.79
C ALA D 136 11.83 8.04 -6.75
N PHE D 137 10.54 7.87 -7.06
CA PHE D 137 10.16 6.87 -8.03
C PHE D 137 10.70 7.22 -9.41
N ILE D 138 10.81 8.50 -9.72
CA ILE D 138 11.24 8.93 -11.05
C ILE D 138 12.76 8.96 -11.14
N ASN D 139 13.43 9.46 -10.11
CA ASN D 139 14.88 9.45 -10.03
C ASN D 139 15.36 8.19 -9.32
N ASN D 140 14.80 7.06 -9.69
CA ASN D 140 15.14 5.76 -9.10
C ASN D 140 16.42 5.26 -9.75
N THR D 141 17.49 5.12 -8.94
CA THR D 141 18.78 4.66 -9.42
C THR D 141 19.07 3.19 -9.07
N SER D 142 18.04 2.39 -8.81
CA SER D 142 18.23 0.96 -8.59
C SER D 142 19.02 0.33 -9.74
N GLN D 143 19.79 -0.72 -9.41
CA GLN D 143 20.40 -1.54 -10.44
C GLN D 143 19.32 -2.15 -11.34
N GLN D 144 19.68 -2.42 -12.61
CA GLN D 144 18.67 -2.80 -13.59
C GLN D 144 17.85 -4.00 -13.15
N LYS D 145 18.49 -4.98 -12.51
CA LYS D 145 17.77 -6.20 -12.15
C LYS D 145 16.68 -5.94 -11.14
N LYS D 146 16.67 -4.76 -10.51
CA LYS D 146 15.68 -4.37 -9.50
C LYS D 146 14.88 -3.15 -9.94
N LEU D 147 14.73 -2.98 -11.25
CA LEU D 147 14.07 -1.82 -11.87
C LEU D 147 13.19 -2.28 -13.02
N SER D 148 11.96 -1.79 -13.08
CA SER D 148 11.03 -2.30 -14.08
C SER D 148 11.18 -1.62 -15.43
N THR D 149 11.91 -0.50 -15.48
CA THR D 149 12.09 0.27 -16.71
C THR D 149 13.57 0.21 -17.11
N PRO D 150 13.88 0.46 -18.38
CA PRO D 150 15.28 0.60 -18.77
C PRO D 150 15.95 1.70 -17.94
N ALA D 151 17.13 1.42 -17.39
CA ALA D 151 17.80 2.40 -16.53
C ALA D 151 18.24 3.62 -17.34
N GLY D 152 18.05 4.80 -16.77
CA GLY D 152 18.52 6.02 -17.42
C GLY D 152 18.15 7.26 -16.64
N ASP D 153 18.27 8.41 -17.31
CA ASP D 153 18.08 9.69 -16.66
C ASP D 153 16.65 10.18 -16.87
N CYS D 154 15.92 10.37 -15.76
CA CYS D 154 14.59 10.95 -15.78
C CYS D 154 14.54 12.24 -14.97
N SER D 155 15.67 12.90 -14.79
CA SER D 155 15.73 14.04 -13.87
C SER D 155 14.82 15.18 -14.32
N ALA D 156 14.67 15.39 -15.62
CA ALA D 156 13.80 16.46 -16.12
C ALA D 156 12.35 16.17 -15.75
N LEU D 157 11.91 14.94 -15.96
CA LEU D 157 10.56 14.59 -15.54
C LEU D 157 10.38 14.73 -14.03
N ALA D 158 11.40 14.36 -13.27
CA ALA D 158 11.27 14.48 -11.81
C ALA D 158 11.10 15.94 -11.41
N SER D 159 11.84 16.84 -12.04
CA SER D 159 11.73 18.26 -11.71
C SER D 159 10.36 18.77 -12.09
N GLU D 160 9.83 18.29 -13.20
CA GLU D 160 8.50 18.69 -13.64
C GLU D 160 7.43 18.25 -12.63
N VAL D 161 7.50 16.99 -12.18
CA VAL D 161 6.53 16.52 -11.18
C VAL D 161 6.69 17.26 -9.86
N ALA D 162 7.95 17.55 -9.47
CA ALA D 162 8.18 18.35 -8.27
C ALA D 162 7.49 19.70 -8.36
N GLY D 163 7.51 20.32 -9.54
CA GLY D 163 6.85 21.61 -9.70
C GLY D 163 5.34 21.52 -9.57
N TYR D 164 4.75 20.40 -10.00
CA TYR D 164 3.31 20.25 -9.84
C TYR D 164 2.94 20.14 -8.36
N PHE D 165 3.70 19.36 -7.58
CA PHE D 165 3.47 19.33 -6.13
C PHE D 165 3.67 20.70 -5.49
N ASP D 166 4.67 21.46 -5.97
CA ASP D 166 4.84 22.82 -5.43
C ASP D 166 3.62 23.70 -5.70
N LYS D 167 2.97 23.55 -6.84
CA LYS D 167 1.72 24.28 -7.06
C LYS D 167 0.65 23.89 -6.04
N VAL D 168 0.58 22.60 -5.66
CA VAL D 168 -0.37 22.18 -4.62
C VAL D 168 -0.07 22.86 -3.30
N SER D 169 1.18 22.75 -2.85
CA SER D 169 1.60 23.36 -1.59
C SER D 169 1.31 24.85 -1.56
N ALA D 170 1.66 25.57 -2.65
CA ALA D 170 1.42 27.00 -2.68
C ALA D 170 -0.06 27.31 -2.57
N ALA D 171 -0.92 26.46 -3.16
CA ALA D 171 -2.35 26.75 -3.10
C ALA D 171 -2.91 26.51 -1.71
N LEU D 172 -2.33 25.57 -0.96
CA LEU D 172 -2.84 25.20 0.35
C LEU D 172 -2.25 26.01 1.51
N ALA D 173 -1.04 26.53 1.35
CA ALA D 173 -0.41 27.35 2.39
C ALA D 173 -1.05 28.74 2.47
#